data_8FG6
#
_entry.id   8FG6
#
_cell.length_a   64.540
_cell.length_b   64.540
_cell.length_c   112.618
_cell.angle_alpha   90.00
_cell.angle_beta   90.00
_cell.angle_gamma   120.00
#
_symmetry.space_group_name_H-M   'P 31 2 1'
#
loop_
_entity.id
_entity.type
_entity.pdbx_description
1 polymer 'amyloidogenic peptide'
2 polymer C104.1
3 water water
#
loop_
_entity_poly.entity_id
_entity_poly.type
_entity_poly.pdbx_seq_one_letter_code
_entity_poly.pdbx_strand_id
1 'polypeptide(L)' GQRIRVRI A
2 'polypeptide(L)'
;GSVTFEFENLSEEAAEKVKKYVKEVAEKLGVEVKVEEEEGKLKIYVENLKEEDALDIFKYAALAAELDQEYLDMVEAAIK
AYHLFKEYDENATIEITIDDEGIEVKVESGDRVVTLKFKNVSKEEVEEAVKEALKQLEAGQKKVEVEVEGGS
;
B
#
# COMPACT_ATOMS: atom_id res chain seq x y z
N GLY A 1 3.41 -16.08 -7.80
CA GLY A 1 2.27 -15.14 -7.60
C GLY A 1 2.83 -13.85 -6.99
N GLN A 2 2.49 -12.72 -7.61
CA GLN A 2 2.86 -11.40 -7.09
C GLN A 2 2.30 -11.05 -5.77
N ARG A 3 3.17 -10.50 -4.94
CA ARG A 3 2.83 -9.73 -3.73
C ARG A 3 3.37 -8.32 -3.87
N ILE A 4 2.55 -7.34 -3.52
CA ILE A 4 2.92 -5.96 -3.38
C ILE A 4 2.63 -5.60 -1.95
N ARG A 5 3.45 -4.72 -1.40
CA ARG A 5 3.26 -4.16 -0.03
C ARG A 5 3.72 -2.70 0.00
N VAL A 6 2.93 -1.84 0.66
CA VAL A 6 3.29 -0.47 1.06
C VAL A 6 3.26 -0.44 2.59
N ARG A 7 4.36 0.01 3.20
CA ARG A 7 4.52 0.18 4.67
C ARG A 7 4.91 1.63 4.99
N ILE A 8 4.54 2.03 6.22
CA ILE A 8 5.04 3.13 7.07
C ILE A 8 4.20 4.39 6.91
N GLY B 1 7.36 12.46 5.53
CA GLY B 1 7.30 11.00 5.89
C GLY B 1 7.99 10.03 4.92
N SER B 2 8.60 8.99 5.48
CA SER B 2 9.33 7.93 4.78
C SER B 2 8.46 6.65 4.56
N VAL B 3 8.69 5.98 3.44
CA VAL B 3 7.82 4.92 2.95
C VAL B 3 8.61 3.84 2.20
N THR B 4 8.21 2.59 2.40
CA THR B 4 8.77 1.45 1.78
C THR B 4 7.75 0.76 0.87
N PHE B 5 8.15 0.47 -0.38
CA PHE B 5 7.33 -0.31 -1.33
C PHE B 5 8.04 -1.61 -1.70
N GLU B 6 7.29 -2.72 -1.73
CA GLU B 6 7.89 -4.04 -1.94
C GLU B 6 7.13 -4.82 -2.95
N PHE B 7 7.87 -5.44 -3.87
CA PHE B 7 7.34 -6.38 -4.84
C PHE B 7 8.05 -7.71 -4.78
N GLU B 8 7.26 -8.80 -4.75
CA GLU B 8 7.76 -10.17 -4.85
C GLU B 8 7.34 -10.86 -6.14
N ASN B 9 8.29 -11.60 -6.74
CA ASN B 9 8.08 -12.44 -7.92
C ASN B 9 7.77 -11.73 -9.23
N LEU B 10 8.11 -10.45 -9.35
CA LEU B 10 8.16 -9.77 -10.63
C LEU B 10 9.23 -10.42 -11.49
N SER B 11 9.02 -10.45 -12.81
CA SER B 11 10.08 -10.82 -13.73
C SER B 11 11.20 -9.79 -13.66
N GLU B 12 12.40 -10.19 -14.09
CA GLU B 12 13.56 -9.26 -14.15
C GLU B 12 13.22 -7.99 -14.93
N GLU B 13 12.60 -8.16 -16.11
CA GLU B 13 12.17 -7.06 -17.00
C GLU B 13 11.29 -6.09 -16.27
N ALA B 14 10.29 -6.64 -15.58
CA ALA B 14 9.35 -5.82 -14.86
C ALA B 14 10.05 -5.04 -13.73
N ALA B 15 10.93 -5.70 -12.99
CA ALA B 15 11.57 -5.07 -11.87
C ALA B 15 12.47 -3.94 -12.35
N GLU B 16 13.21 -4.20 -13.45
CA GLU B 16 13.99 -3.18 -14.13
C GLU B 16 13.17 -1.93 -14.44
N LYS B 17 11.96 -2.11 -14.97
CA LYS B 17 11.10 -0.98 -15.26
C LYS B 17 10.74 -0.23 -14.00
N VAL B 18 10.44 -0.97 -12.96
CA VAL B 18 10.07 -0.34 -11.70
C VAL B 18 11.20 0.55 -11.18
N LYS B 19 12.43 0.02 -11.22
CA LYS B 19 13.60 0.72 -10.74
C LYS B 19 13.80 2.01 -11.53
N LYS B 20 13.93 1.85 -12.83
CA LYS B 20 14.14 2.93 -13.73
C LYS B 20 13.16 4.08 -13.51
N TYR B 21 11.87 3.76 -13.34
CA TYR B 21 10.77 4.75 -13.39
C TYR B 21 10.55 5.34 -12.00
N VAL B 22 10.90 4.60 -10.95
CA VAL B 22 10.92 5.12 -9.63
C VAL B 22 12.05 6.12 -9.48
N LYS B 23 13.20 5.82 -10.08
CA LYS B 23 14.35 6.68 -10.03
C LYS B 23 13.96 8.05 -10.61
N GLU B 24 13.62 8.04 -11.90
CA GLU B 24 13.13 9.19 -12.66
C GLU B 24 12.16 10.04 -11.84
N VAL B 25 11.08 9.42 -11.35
CA VAL B 25 10.09 10.16 -10.56
C VAL B 25 10.73 10.90 -9.40
N ALA B 26 11.55 10.17 -8.64
CA ALA B 26 12.12 10.68 -7.42
C ALA B 26 13.04 11.84 -7.68
N GLU B 27 13.89 11.72 -8.70
CA GLU B 27 14.84 12.79 -8.96
C GLU B 27 14.13 14.01 -9.50
N LYS B 28 13.02 13.80 -10.20
CA LYS B 28 12.13 14.89 -10.62
C LYS B 28 11.55 15.60 -9.40
N LEU B 29 11.27 14.85 -8.33
CA LEU B 29 10.80 15.43 -7.08
C LEU B 29 11.90 15.84 -6.10
N GLY B 30 13.17 15.69 -6.50
CA GLY B 30 14.32 16.00 -5.66
C GLY B 30 14.45 15.26 -4.33
N VAL B 31 14.05 13.98 -4.30
CA VAL B 31 14.11 13.22 -3.05
C VAL B 31 15.03 11.96 -3.08
N GLU B 32 15.51 11.58 -1.88
CA GLU B 32 16.33 10.40 -1.65
C GLU B 32 15.55 9.11 -1.80
N VAL B 33 16.17 8.13 -2.49
CA VAL B 33 15.62 6.84 -2.85
C VAL B 33 16.65 5.72 -2.75
N LYS B 34 16.26 4.62 -2.10
CA LYS B 34 17.05 3.42 -1.99
C LYS B 34 16.30 2.27 -2.61
N VAL B 35 16.94 1.60 -3.55
CA VAL B 35 16.37 0.45 -4.22
C VAL B 35 17.22 -0.78 -3.97
N GLU B 36 16.59 -1.85 -3.53
CA GLU B 36 17.24 -3.10 -3.25
C GLU B 36 16.55 -4.23 -3.96
N GLU B 37 17.32 -5.03 -4.68
CA GLU B 37 16.84 -6.16 -5.44
C GLU B 37 17.69 -7.39 -5.20
N GLU B 38 17.01 -8.50 -4.90
CA GLU B 38 17.53 -9.87 -4.91
C GLU B 38 16.64 -10.69 -5.81
N GLU B 39 16.96 -11.99 -5.92
CA GLU B 39 16.16 -12.90 -6.71
C GLU B 39 14.71 -12.91 -6.17
N GLY B 40 13.78 -12.50 -7.02
CA GLY B 40 12.39 -12.48 -6.68
C GLY B 40 11.92 -11.36 -5.79
N LYS B 41 12.75 -10.36 -5.55
CA LYS B 41 12.46 -9.46 -4.45
C LYS B 41 12.95 -8.05 -4.81
N LEU B 42 12.04 -7.07 -4.75
CA LEU B 42 12.42 -5.71 -5.01
C LEU B 42 11.85 -4.85 -3.91
N LYS B 43 12.68 -3.94 -3.41
CA LYS B 43 12.27 -3.09 -2.34
C LYS B 43 12.76 -1.66 -2.59
N ILE B 44 11.88 -0.69 -2.39
CA ILE B 44 12.11 0.72 -2.61
C ILE B 44 11.79 1.49 -1.32
N TYR B 45 12.74 2.27 -0.84
CA TYR B 45 12.59 3.13 0.36
C TYR B 45 12.78 4.60 -0.09
N VAL B 46 11.75 5.41 0.14
CA VAL B 46 11.77 6.83 -0.16
C VAL B 46 11.52 7.52 1.16
N GLU B 47 12.22 8.63 1.41
CA GLU B 47 12.50 9.07 2.78
C GLU B 47 11.75 10.27 3.36
N ASN B 48 11.54 11.33 2.57
CA ASN B 48 10.79 12.48 3.10
C ASN B 48 9.85 13.06 2.11
N LEU B 49 8.66 12.47 2.08
CA LEU B 49 7.73 12.72 1.03
C LEU B 49 6.47 13.22 1.62
N LYS B 50 5.86 14.17 0.90
CA LYS B 50 4.45 14.41 1.01
C LYS B 50 3.75 13.12 0.62
N GLU B 51 2.77 12.73 1.45
CA GLU B 51 1.91 11.60 1.22
C GLU B 51 1.45 11.55 -0.24
N GLU B 52 0.96 12.67 -0.78
CA GLU B 52 0.41 12.68 -2.14
C GLU B 52 1.44 12.18 -3.16
N ASP B 53 2.71 12.56 -2.96
CA ASP B 53 3.80 12.10 -3.78
C ASP B 53 3.93 10.60 -3.64
N ALA B 54 4.06 10.14 -2.39
CA ALA B 54 4.26 8.74 -2.08
C ALA B 54 3.26 7.87 -2.81
N LEU B 55 1.98 8.21 -2.65
CA LEU B 55 0.88 7.47 -3.23
C LEU B 55 0.84 7.54 -4.77
N ASP B 56 1.36 8.63 -5.35
CA ASP B 56 1.57 8.75 -6.80
C ASP B 56 2.65 7.79 -7.28
N ILE B 57 3.82 7.85 -6.64
CA ILE B 57 4.93 6.98 -6.97
C ILE B 57 4.56 5.49 -6.88
N PHE B 58 3.80 5.14 -5.84
CA PHE B 58 3.43 3.76 -5.60
C PHE B 58 2.56 3.27 -6.76
N LYS B 59 1.62 4.13 -7.16
CA LYS B 59 0.75 3.90 -8.30
C LYS B 59 1.51 3.67 -9.61
N TYR B 60 2.58 4.43 -9.84
CA TYR B 60 3.36 4.41 -11.11
C TYR B 60 4.30 3.21 -11.09
N ALA B 61 4.84 2.87 -9.92
CA ALA B 61 5.62 1.66 -9.74
C ALA B 61 4.78 0.47 -10.13
N ALA B 62 3.51 0.46 -9.70
CA ALA B 62 2.60 -0.61 -10.02
C ALA B 62 2.30 -0.72 -11.53
N LEU B 63 2.13 0.43 -12.19
CA LEU B 63 1.97 0.50 -13.63
C LEU B 63 3.21 -0.02 -14.33
N ALA B 64 4.37 0.36 -13.79
CA ALA B 64 5.65 0.06 -14.41
C ALA B 64 5.84 -1.40 -14.26
N ALA B 65 5.33 -1.94 -13.14
CA ALA B 65 5.41 -3.37 -12.87
C ALA B 65 4.51 -4.24 -13.75
N GLU B 66 3.72 -3.61 -14.64
CA GLU B 66 2.82 -4.31 -15.57
C GLU B 66 1.71 -5.17 -14.89
N LEU B 67 1.35 -4.84 -13.66
CA LEU B 67 0.31 -5.55 -12.94
C LEU B 67 -0.99 -5.38 -13.68
N ASP B 68 -1.79 -6.46 -13.70
CA ASP B 68 -3.10 -6.41 -14.32
C ASP B 68 -4.09 -5.55 -13.49
N GLN B 69 -5.27 -5.33 -14.09
CA GLN B 69 -6.25 -4.42 -13.54
C GLN B 69 -6.76 -4.80 -12.13
N GLU B 70 -6.96 -6.10 -11.90
CA GLU B 70 -7.42 -6.61 -10.60
C GLU B 70 -6.40 -6.18 -9.52
N TYR B 71 -5.11 -6.36 -9.83
CA TYR B 71 -4.01 -5.89 -8.93
C TYR B 71 -4.05 -4.36 -8.82
N LEU B 72 -4.20 -3.65 -9.94
CA LEU B 72 -4.26 -2.19 -9.93
C LEU B 72 -5.40 -1.58 -9.08
N ASP B 73 -6.59 -2.18 -9.18
CA ASP B 73 -7.75 -1.87 -8.33
C ASP B 73 -7.43 -1.95 -6.84
N MET B 74 -6.71 -3.00 -6.46
CA MET B 74 -6.35 -3.23 -5.07
C MET B 74 -5.32 -2.21 -4.66
N VAL B 75 -4.48 -1.81 -5.60
CA VAL B 75 -3.50 -0.76 -5.36
C VAL B 75 -4.21 0.55 -5.05
N GLU B 76 -5.23 0.86 -5.85
CA GLU B 76 -5.99 2.09 -5.65
C GLU B 76 -6.73 2.03 -4.34
N ALA B 77 -7.23 0.84 -4.00
CA ALA B 77 -7.92 0.61 -2.74
C ALA B 77 -6.95 0.88 -1.61
N ALA B 78 -5.74 0.35 -1.76
CA ALA B 78 -4.70 0.58 -0.78
C ALA B 78 -4.34 2.06 -0.66
N ILE B 79 -4.42 2.79 -1.79
CA ILE B 79 -4.14 4.21 -1.85
C ILE B 79 -5.10 4.91 -0.89
N LYS B 80 -6.40 4.71 -1.14
CA LYS B 80 -7.46 5.29 -0.34
C LYS B 80 -7.29 4.98 1.15
N ALA B 81 -6.92 3.74 1.46
CA ALA B 81 -6.82 3.29 2.83
C ALA B 81 -5.72 4.02 3.54
N TYR B 82 -4.53 4.04 2.92
CA TYR B 82 -3.31 4.67 3.50
C TYR B 82 -3.66 6.12 3.89
N HIS B 83 -4.37 6.82 3.00
CA HIS B 83 -4.72 8.23 3.13
C HIS B 83 -5.63 8.47 4.34
N LEU B 84 -6.73 7.71 4.36
CA LEU B 84 -7.76 7.85 5.37
C LEU B 84 -7.22 7.57 6.77
N PHE B 85 -6.38 6.56 6.89
CA PHE B 85 -5.80 6.25 8.17
C PHE B 85 -4.81 7.31 8.65
N LYS B 86 -4.00 7.84 7.72
CA LYS B 86 -3.11 8.97 8.00
C LYS B 86 -3.86 10.24 8.38
N GLU B 87 -5.03 10.45 7.77
CA GLU B 87 -5.90 11.53 8.15
C GLU B 87 -6.27 11.41 9.63
N TYR B 88 -6.49 10.19 10.12
CA TYR B 88 -6.86 9.92 11.54
C TYR B 88 -5.61 10.10 12.43
N ASP B 89 -4.47 9.51 12.08
CA ASP B 89 -3.25 9.59 12.87
C ASP B 89 -2.05 9.54 11.93
N GLU B 90 -1.40 10.70 11.79
CA GLU B 90 -0.29 10.89 10.88
C GLU B 90 0.87 9.95 11.27
N ASN B 91 0.93 9.54 12.54
CA ASN B 91 1.94 8.62 13.07
C ASN B 91 1.49 7.16 13.19
N ALA B 92 0.41 6.80 12.50
CA ALA B 92 -0.02 5.42 12.51
C ALA B 92 0.94 4.60 11.66
N THR B 93 1.31 3.41 12.15
CA THR B 93 1.99 2.42 11.35
C THR B 93 0.97 1.66 10.48
N ILE B 94 1.14 1.75 9.16
CA ILE B 94 0.28 1.15 8.18
C ILE B 94 1.04 0.19 7.26
N GLU B 95 0.62 -1.08 7.26
CA GLU B 95 1.17 -2.10 6.40
C GLU B 95 0.00 -2.65 5.59
N ILE B 96 0.05 -2.44 4.28
CA ILE B 96 -0.93 -2.97 3.36
C ILE B 96 -0.25 -3.93 2.39
N THR B 97 -0.85 -5.10 2.25
CA THR B 97 -0.32 -6.18 1.45
C THR B 97 -1.34 -6.69 0.49
N ILE B 98 -0.92 -6.85 -0.76
CA ILE B 98 -1.75 -7.29 -1.85
C ILE B 98 -1.16 -8.53 -2.50
N ASP B 99 -2.01 -9.49 -2.83
CA ASP B 99 -1.63 -10.65 -3.61
C ASP B 99 -2.79 -11.07 -4.49
N ASP B 100 -2.74 -12.30 -5.00
CA ASP B 100 -3.66 -12.73 -6.05
C ASP B 100 -5.04 -13.10 -5.46
N GLU B 101 -5.06 -13.39 -4.16
CA GLU B 101 -6.25 -13.67 -3.37
C GLU B 101 -6.99 -12.39 -2.98
N GLY B 102 -6.25 -11.36 -2.58
CA GLY B 102 -6.86 -10.20 -1.99
C GLY B 102 -5.93 -9.19 -1.36
N ILE B 103 -6.42 -8.60 -0.27
CA ILE B 103 -5.74 -7.47 0.29
C ILE B 103 -5.94 -7.47 1.76
N GLU B 104 -4.88 -7.06 2.48
CA GLU B 104 -4.85 -7.04 3.92
C GLU B 104 -4.21 -5.74 4.39
N VAL B 105 -4.86 -5.10 5.38
CA VAL B 105 -4.52 -3.78 5.89
C VAL B 105 -4.33 -3.90 7.42
N LYS B 106 -3.15 -3.54 7.91
CA LYS B 106 -2.83 -3.54 9.32
C LYS B 106 -2.46 -2.15 9.72
N VAL B 107 -3.14 -1.63 10.74
CA VAL B 107 -2.84 -0.32 11.27
C VAL B 107 -2.58 -0.42 12.77
N GLU B 108 -1.51 0.25 13.21
CA GLU B 108 -1.26 0.47 14.62
C GLU B 108 -1.20 1.97 14.82
N SER B 109 -2.03 2.44 15.75
CA SER B 109 -2.27 3.86 15.97
C SER B 109 -2.40 4.05 17.47
N GLY B 110 -1.35 4.63 18.06
CA GLY B 110 -1.21 4.66 19.51
C GLY B 110 -1.33 3.25 20.04
N ASP B 111 -2.43 3.00 20.76
CA ASP B 111 -2.69 1.72 21.40
C ASP B 111 -3.88 1.03 20.71
N ARG B 112 -4.15 1.42 19.46
CA ARG B 112 -5.30 0.93 18.67
C ARG B 112 -4.74 0.05 17.55
N VAL B 113 -5.35 -1.11 17.34
CA VAL B 113 -4.94 -2.05 16.35
C VAL B 113 -6.15 -2.32 15.50
N VAL B 114 -5.97 -2.20 14.19
CA VAL B 114 -6.97 -2.47 13.19
C VAL B 114 -6.40 -3.42 12.14
N THR B 115 -7.17 -4.47 11.83
CA THR B 115 -6.83 -5.45 10.83
C THR B 115 -8.03 -5.64 9.93
N LEU B 116 -7.84 -5.46 8.62
CA LEU B 116 -8.86 -5.64 7.62
C LEU B 116 -8.32 -6.61 6.59
N LYS B 117 -9.07 -7.67 6.30
CA LYS B 117 -8.69 -8.68 5.32
C LYS B 117 -9.83 -8.92 4.36
N PHE B 118 -9.52 -8.96 3.06
CA PHE B 118 -10.46 -9.10 2.00
C PHE B 118 -9.95 -10.11 1.01
N LYS B 119 -10.87 -10.94 0.49
CA LYS B 119 -10.64 -11.83 -0.64
C LYS B 119 -11.71 -11.57 -1.65
N ASN B 120 -11.32 -11.42 -2.91
CA ASN B 120 -12.24 -11.36 -4.04
C ASN B 120 -13.32 -10.30 -3.79
N VAL B 121 -12.87 -9.07 -3.64
CA VAL B 121 -13.66 -7.97 -3.16
C VAL B 121 -13.45 -6.76 -4.06
N SER B 122 -14.48 -5.89 -4.15
CA SER B 122 -14.37 -4.68 -4.95
C SER B 122 -13.62 -3.62 -4.15
N LYS B 123 -13.02 -2.67 -4.85
CA LYS B 123 -12.37 -1.51 -4.22
C LYS B 123 -13.34 -0.67 -3.37
N GLU B 124 -14.62 -0.66 -3.78
CA GLU B 124 -15.66 0.09 -3.10
C GLU B 124 -15.81 -0.51 -1.72
N GLU B 125 -16.00 -1.83 -1.68
CA GLU B 125 -16.16 -2.59 -0.44
C GLU B 125 -15.06 -2.30 0.58
N VAL B 126 -13.81 -2.20 0.11
CA VAL B 126 -12.68 -1.93 0.98
C VAL B 126 -12.81 -0.55 1.62
N GLU B 127 -13.16 0.45 0.80
CA GLU B 127 -13.34 1.80 1.29
C GLU B 127 -14.34 1.81 2.44
N GLU B 128 -15.50 1.23 2.19
CA GLU B 128 -16.58 1.16 3.16
C GLU B 128 -16.13 0.50 4.46
N ALA B 129 -15.36 -0.60 4.36
CA ALA B 129 -14.79 -1.26 5.52
C ALA B 129 -13.84 -0.34 6.30
N VAL B 130 -13.01 0.41 5.56
CA VAL B 130 -12.08 1.37 6.16
C VAL B 130 -12.83 2.49 6.90
N LYS B 131 -13.89 3.03 6.29
CA LYS B 131 -14.65 4.09 6.95
C LYS B 131 -15.28 3.60 8.24
N GLU B 132 -15.78 2.36 8.20
CA GLU B 132 -16.39 1.72 9.35
C GLU B 132 -15.35 1.49 10.44
N ALA B 133 -14.17 1.00 10.05
CA ALA B 133 -13.09 0.85 11.01
C ALA B 133 -12.80 2.19 11.72
N LEU B 134 -12.76 3.27 10.94
CA LEU B 134 -12.47 4.60 11.47
C LEU B 134 -13.57 5.09 12.38
N LYS B 135 -14.82 4.78 12.03
CA LYS B 135 -15.93 5.09 12.91
C LYS B 135 -15.72 4.46 14.27
N GLN B 136 -15.35 3.19 14.30
CA GLN B 136 -15.14 2.53 15.56
C GLN B 136 -14.02 3.18 16.37
N LEU B 137 -12.90 3.49 15.71
CA LEU B 137 -11.77 4.14 16.38
C LEU B 137 -12.22 5.45 16.99
N GLU B 138 -12.90 6.25 16.16
CA GLU B 138 -13.46 7.54 16.57
C GLU B 138 -14.37 7.41 17.77
N ALA B 139 -15.13 6.31 17.85
CA ALA B 139 -16.01 6.14 19.01
C ALA B 139 -15.31 5.49 20.19
N GLY B 140 -13.99 5.32 20.10
CA GLY B 140 -13.16 4.90 21.22
C GLY B 140 -12.79 3.44 21.29
N GLN B 141 -13.03 2.70 20.21
CA GLN B 141 -12.67 1.29 20.18
C GLN B 141 -11.17 1.18 20.02
N LYS B 142 -10.57 0.20 20.69
CA LYS B 142 -9.13 -0.07 20.65
C LYS B 142 -8.75 -1.09 19.58
N LYS B 143 -9.63 -2.05 19.31
CA LYS B 143 -9.38 -3.04 18.30
C LYS B 143 -10.58 -3.32 17.41
N VAL B 144 -10.29 -3.42 16.12
CA VAL B 144 -11.25 -3.62 15.08
C VAL B 144 -10.64 -4.61 14.12
N GLU B 145 -11.32 -5.75 13.93
CA GLU B 145 -11.00 -6.73 12.92
C GLU B 145 -12.15 -6.78 11.96
N VAL B 146 -11.84 -6.77 10.67
CA VAL B 146 -12.82 -6.97 9.60
C VAL B 146 -12.24 -7.97 8.61
N GLU B 147 -13.10 -8.89 8.15
CA GLU B 147 -12.80 -9.91 7.19
C GLU B 147 -14.01 -9.98 6.27
N VAL B 148 -13.74 -9.97 4.97
CA VAL B 148 -14.74 -9.97 3.91
C VAL B 148 -14.29 -10.87 2.78
N GLU B 149 -15.22 -11.68 2.28
CA GLU B 149 -15.00 -12.63 1.21
C GLU B 149 -16.16 -12.47 0.28
N GLY B 150 -15.90 -12.03 -0.96
CA GLY B 150 -16.86 -12.03 -2.06
C GLY B 150 -17.30 -13.45 -2.35
N GLY B 151 -18.48 -13.60 -2.95
CA GLY B 151 -19.06 -14.92 -3.19
C GLY B 151 -19.13 -15.32 -4.65
#